data_8GRV
#
_entry.id   8GRV
#
_cell.length_a   104.499
_cell.length_b   104.499
_cell.length_c   163.371
_cell.angle_alpha   90.00
_cell.angle_beta   90.00
_cell.angle_gamma   120.00
#
_symmetry.space_group_name_H-M   'P 64 2 2'
#
loop_
_entity.id
_entity.type
_entity.pdbx_description
1 polymer 'Putative D-lactate dehydrogenase'
2 non-polymer 'ACETATE ION'
3 non-polymer NICOTINAMIDE-ADENINE-DINUCLEOTIDE
4 water water
#
_entity_poly.entity_id   1
_entity_poly.type   'polypeptide(L)'
_entity_poly.pdbx_seq_one_letter_code
;MSYYHHHHHHDYDIPTTENLYFQGADMKITLFSSKPYWVKWFNELNKFSYEINYVTSACDIKSVNEAKGSEAVCCFVNDD
LSKEVIETLHSNGTKVILMRCAGFNKVDLDTANKLGIPVLRVPAYSPNAVSEYALSLIMALNRKTHKAHDRVRDANFEIN
GMEGFNMVSKVYGIVGTGNIGEQLCRVLKLGFGAKVIAYDIIENKAVTDIGIEYVKTLDEIWKQCDVISLHTPLNSQTKY
MVNSESIEKMRDGVMIINVSRGALVNASDAIVGLKSGKISSLGMDVYENETDYFYQDHNGSIIKDDNLSLLISYPNVMIT
SHQAWYTKEAISCICGTSLQNFVDFRSNQIKKSNLVNNPISSQPTQ
;
_entity_poly.pdbx_strand_id   A
#
loop_
_chem_comp.id
_chem_comp.type
_chem_comp.name
_chem_comp.formula
ACT non-polymer 'ACETATE ION' 'C2 H3 O2 -1'
NAD non-polymer NICOTINAMIDE-ADENINE-DINUCLEOTIDE 'C21 H27 N7 O14 P2'
#
# COMPACT_ATOMS: atom_id res chain seq x y z
N ALA A 25 -4.06 -33.26 -0.94
CA ALA A 25 -4.07 -32.38 -2.10
C ALA A 25 -5.35 -31.55 -2.17
N ASP A 26 -6.51 -32.24 -2.16
CA ASP A 26 -7.79 -31.57 -2.43
C ASP A 26 -8.06 -30.41 -1.46
N MET A 27 -7.56 -30.49 -0.22
CA MET A 27 -7.84 -29.48 0.80
C MET A 27 -6.59 -28.76 1.30
N LYS A 28 -5.50 -28.78 0.53
CA LYS A 28 -4.21 -28.25 0.95
C LYS A 28 -3.97 -26.88 0.33
N ILE A 29 -3.57 -25.92 1.17
CA ILE A 29 -3.18 -24.57 0.75
C ILE A 29 -1.69 -24.40 1.02
N THR A 30 -0.95 -23.98 0.02
CA THR A 30 0.40 -23.50 0.26
C THR A 30 0.37 -21.98 0.24
N LEU A 31 0.73 -21.38 1.36
CA LEU A 31 0.65 -19.94 1.55
C LEU A 31 2.07 -19.38 1.51
N PHE A 32 2.39 -18.64 0.45
CA PHE A 32 3.71 -18.05 0.29
C PHE A 32 3.83 -16.73 1.05
N SER A 33 5.09 -16.33 1.29
CA SER A 33 5.38 -15.07 2.00
C SER A 33 4.77 -15.09 3.40
N SER A 34 4.91 -16.23 4.08
CA SER A 34 4.32 -16.36 5.39
C SER A 34 5.06 -15.50 6.43
N LYS A 35 4.33 -15.04 7.41
CA LYS A 35 4.89 -14.39 8.59
C LYS A 35 4.00 -14.73 9.75
N PRO A 36 4.44 -14.47 10.98
CA PRO A 36 3.62 -14.86 12.13
C PRO A 36 2.21 -14.27 12.11
N TYR A 37 2.01 -13.03 11.63
CA TYR A 37 0.65 -12.48 11.66
C TYR A 37 -0.26 -13.21 10.68
N TRP A 38 0.30 -13.68 9.55
CA TRP A 38 -0.46 -14.49 8.61
C TRP A 38 -0.89 -15.81 9.25
N VAL A 39 0.05 -16.51 9.89
CA VAL A 39 -0.24 -17.78 10.54
C VAL A 39 -1.30 -17.59 11.62
N LYS A 40 -1.10 -16.60 12.49
CA LYS A 40 -2.01 -16.37 13.60
C LYS A 40 -3.44 -16.22 13.11
N TRP A 41 -3.66 -15.36 12.09
CA TRP A 41 -5.02 -15.09 11.64
C TRP A 41 -5.58 -16.21 10.77
N PHE A 42 -4.78 -16.75 9.85
CA PHE A 42 -5.32 -17.79 8.99
C PHE A 42 -5.75 -19.01 9.79
N ASN A 43 -4.99 -19.36 10.83
CA ASN A 43 -5.46 -20.44 11.70
C ASN A 43 -6.75 -20.04 12.41
N GLU A 44 -6.74 -18.92 13.13
CA GLU A 44 -7.94 -18.51 13.85
C GLU A 44 -9.19 -18.63 13.00
N LEU A 45 -9.10 -18.31 11.71
CA LEU A 45 -10.31 -18.16 10.90
C LEU A 45 -10.62 -19.37 10.05
N ASN A 46 -9.63 -20.26 9.86
CA ASN A 46 -9.80 -21.55 9.22
C ASN A 46 -10.82 -22.40 9.96
N LYS A 47 -12.10 -22.30 9.59
CA LYS A 47 -13.17 -23.10 10.16
C LYS A 47 -13.57 -24.25 9.24
N PHE A 48 -12.76 -24.57 8.25
CA PHE A 48 -13.20 -25.45 7.17
C PHE A 48 -12.25 -26.61 6.98
N SER A 49 -11.39 -26.87 7.96
CA SER A 49 -10.58 -28.08 8.00
C SER A 49 -9.51 -28.07 6.92
N TYR A 50 -9.11 -26.87 6.47
CA TYR A 50 -8.10 -26.75 5.42
C TYR A 50 -6.72 -27.00 5.99
N GLU A 51 -5.90 -27.73 5.24
CA GLU A 51 -4.49 -27.96 5.59
C GLU A 51 -3.64 -26.85 4.98
N ILE A 52 -2.96 -26.08 5.82
CA ILE A 52 -2.22 -24.92 5.36
C ILE A 52 -0.73 -25.19 5.50
N ASN A 53 -0.03 -25.13 4.37
CA ASN A 53 1.43 -25.19 4.34
C ASN A 53 1.97 -23.77 4.25
N TYR A 54 2.51 -23.25 5.36
CA TYR A 54 3.07 -21.90 5.40
C TYR A 54 4.52 -21.90 4.95
N VAL A 55 4.82 -21.20 3.85
CA VAL A 55 6.17 -21.07 3.30
C VAL A 55 6.69 -19.67 3.62
N THR A 56 7.78 -19.61 4.38
CA THR A 56 8.39 -18.32 4.67
C THR A 56 8.81 -17.61 3.39
N SER A 57 9.37 -18.36 2.44
CA SER A 57 9.90 -17.78 1.21
C SER A 57 8.77 -17.24 0.33
N ALA A 58 9.14 -16.43 -0.64
CA ALA A 58 8.19 -15.81 -1.54
C ALA A 58 7.98 -16.72 -2.75
N CYS A 59 6.89 -16.47 -3.47
CA CYS A 59 6.58 -17.32 -4.61
C CYS A 59 7.35 -16.80 -5.80
N ASP A 60 8.52 -17.39 -6.01
CA ASP A 60 9.32 -17.24 -7.22
C ASP A 60 9.60 -18.64 -7.77
N ILE A 61 10.32 -18.68 -8.89
CA ILE A 61 10.54 -19.96 -9.57
C ILE A 61 11.37 -20.90 -8.70
N LYS A 62 12.22 -20.35 -7.83
CA LYS A 62 13.01 -21.18 -6.92
C LYS A 62 12.15 -21.78 -5.81
N SER A 63 10.98 -21.19 -5.54
CA SER A 63 10.12 -21.58 -4.43
C SER A 63 8.89 -22.37 -4.83
N VAL A 64 8.46 -22.28 -6.09
CA VAL A 64 7.14 -22.75 -6.49
C VAL A 64 6.99 -24.26 -6.30
N ASN A 65 8.09 -24.98 -6.11
CA ASN A 65 8.00 -26.41 -5.88
C ASN A 65 7.27 -26.73 -4.58
N GLU A 66 7.43 -25.88 -3.56
CA GLU A 66 6.83 -26.16 -2.25
C GLU A 66 5.32 -26.32 -2.33
N ALA A 67 4.71 -25.82 -3.40
CA ALA A 67 3.27 -25.95 -3.61
C ALA A 67 2.86 -27.28 -4.24
N LYS A 68 3.82 -28.05 -4.75
CA LYS A 68 3.57 -29.35 -5.35
C LYS A 68 2.48 -30.09 -4.59
N GLY A 69 1.41 -30.45 -5.29
CA GLY A 69 0.36 -31.23 -4.65
C GLY A 69 -0.57 -30.44 -3.77
N SER A 70 -0.55 -29.10 -3.90
CA SER A 70 -1.41 -28.22 -3.12
C SER A 70 -2.44 -27.63 -4.08
N GLU A 71 -3.71 -27.90 -3.81
CA GLU A 71 -4.75 -27.46 -4.74
C GLU A 71 -4.83 -25.94 -4.81
N ALA A 72 -4.45 -25.24 -3.75
CA ALA A 72 -4.55 -23.79 -3.71
C ALA A 72 -3.26 -23.17 -3.22
N VAL A 73 -2.90 -22.02 -3.78
CA VAL A 73 -1.77 -21.24 -3.28
C VAL A 73 -2.27 -19.86 -2.89
N CYS A 74 -1.73 -19.36 -1.80
CA CYS A 74 -2.08 -18.05 -1.29
C CYS A 74 -0.86 -17.15 -1.36
N CYS A 75 -1.01 -15.99 -1.99
CA CYS A 75 0.09 -15.06 -2.19
C CYS A 75 -0.31 -13.67 -1.74
N PHE A 76 0.69 -12.80 -1.70
CA PHE A 76 0.54 -11.43 -1.23
C PHE A 76 1.14 -10.45 -2.24
N VAL A 77 1.25 -9.20 -1.83
CA VAL A 77 1.47 -8.11 -2.77
C VAL A 77 2.80 -8.22 -3.51
N ASN A 78 3.77 -8.95 -2.97
CA ASN A 78 5.12 -8.99 -3.55
C ASN A 78 5.55 -10.41 -3.94
N ASP A 79 4.61 -11.24 -4.37
CA ASP A 79 4.95 -12.57 -4.88
C ASP A 79 5.02 -12.52 -6.39
N ASP A 80 5.67 -13.52 -6.97
CA ASP A 80 6.02 -13.49 -8.39
C ASP A 80 5.21 -14.56 -9.13
N LEU A 81 3.93 -14.26 -9.34
CA LEU A 81 3.04 -15.12 -10.12
C LEU A 81 3.20 -14.86 -11.61
N SER A 82 4.40 -15.20 -12.10
CA SER A 82 4.77 -14.98 -13.49
C SER A 82 4.40 -16.19 -14.35
N LYS A 83 4.37 -15.96 -15.67
CA LYS A 83 3.98 -17.00 -16.61
C LYS A 83 4.54 -18.38 -16.27
N GLU A 84 5.85 -18.44 -15.97
CA GLU A 84 6.49 -19.74 -15.77
C GLU A 84 6.05 -20.37 -14.46
N VAL A 85 5.99 -19.60 -13.38
CA VAL A 85 5.62 -20.22 -12.10
C VAL A 85 4.18 -20.68 -12.15
N ILE A 86 3.28 -19.87 -12.73
CA ILE A 86 1.90 -20.27 -12.92
C ILE A 86 1.82 -21.60 -13.65
N GLU A 87 2.55 -21.73 -14.75
CA GLU A 87 2.60 -22.99 -15.48
C GLU A 87 3.03 -24.12 -14.56
N THR A 88 4.14 -23.94 -13.83
CA THR A 88 4.55 -24.96 -12.88
C THR A 88 3.43 -25.28 -11.90
N LEU A 89 2.86 -24.24 -11.28
CA LEU A 89 1.78 -24.44 -10.31
C LEU A 89 0.65 -25.28 -10.90
N HIS A 90 0.26 -24.99 -12.14
CA HIS A 90 -0.82 -25.74 -12.77
C HIS A 90 -0.37 -27.15 -13.13
N SER A 91 0.86 -27.28 -13.64
CA SER A 91 1.46 -28.58 -13.95
C SER A 91 1.83 -29.38 -12.71
N ASN A 92 1.49 -28.91 -11.51
CA ASN A 92 1.78 -29.65 -10.29
C ASN A 92 0.55 -29.81 -9.41
N GLY A 93 -0.63 -29.44 -9.90
CA GLY A 93 -1.87 -29.78 -9.24
C GLY A 93 -2.62 -28.64 -8.58
N THR A 94 -2.10 -27.41 -8.58
CA THR A 94 -2.84 -26.31 -7.99
C THR A 94 -3.79 -25.73 -9.04
N LYS A 95 -5.00 -25.38 -8.60
CA LYS A 95 -6.09 -25.03 -9.50
C LYS A 95 -6.71 -23.67 -9.23
N VAL A 96 -6.39 -23.04 -8.10
CA VAL A 96 -6.95 -21.75 -7.76
C VAL A 96 -5.86 -20.93 -7.09
N ILE A 97 -5.71 -19.68 -7.52
CA ILE A 97 -4.80 -18.75 -6.87
C ILE A 97 -5.61 -17.84 -5.96
N LEU A 98 -5.15 -17.69 -4.71
CA LEU A 98 -5.77 -16.81 -3.72
C LEU A 98 -4.85 -15.61 -3.44
N MET A 99 -5.28 -14.41 -3.85
CA MET A 99 -4.58 -13.18 -3.53
C MET A 99 -5.11 -12.66 -2.19
N ARG A 100 -4.29 -12.71 -1.16
CA ARG A 100 -4.73 -12.23 0.14
C ARG A 100 -4.47 -10.72 0.29
N CYS A 101 -4.98 -9.98 -0.69
CA CYS A 101 -4.78 -8.56 -0.88
C CYS A 101 -5.65 -8.16 -2.06
N ALA A 102 -5.79 -6.85 -2.29
CA ALA A 102 -6.65 -6.42 -3.39
C ALA A 102 -5.90 -6.19 -4.69
N GLY A 103 -4.56 -6.17 -4.64
CA GLY A 103 -3.75 -5.90 -5.81
C GLY A 103 -3.23 -7.16 -6.48
N PHE A 104 -2.86 -7.03 -7.75
CA PHE A 104 -2.39 -8.18 -8.50
C PHE A 104 -1.45 -7.78 -9.64
N ASN A 105 -0.79 -6.63 -9.49
CA ASN A 105 0.10 -6.13 -10.53
C ASN A 105 1.16 -7.15 -10.95
N LYS A 106 1.45 -8.15 -10.12
CA LYS A 106 2.51 -9.10 -10.41
C LYS A 106 2.01 -10.50 -10.77
N VAL A 107 0.78 -10.62 -11.28
CA VAL A 107 0.19 -11.91 -11.65
C VAL A 107 -0.12 -11.88 -13.14
N ASP A 108 0.56 -12.71 -13.92
CA ASP A 108 0.29 -12.77 -15.35
C ASP A 108 -1.06 -13.45 -15.52
N LEU A 109 -2.12 -12.63 -15.62
CA LEU A 109 -3.47 -13.18 -15.73
C LEU A 109 -3.64 -14.05 -16.97
N ASP A 110 -3.04 -13.65 -18.08
CA ASP A 110 -3.24 -14.40 -19.33
C ASP A 110 -2.85 -15.85 -19.17
N THR A 111 -1.67 -16.12 -18.62
CA THR A 111 -1.26 -17.49 -18.36
C THR A 111 -2.30 -18.23 -17.53
N ALA A 112 -2.83 -17.55 -16.50
CA ALA A 112 -3.84 -18.18 -15.65
C ALA A 112 -5.10 -18.49 -16.45
N ASN A 113 -5.62 -17.50 -17.17
CA ASN A 113 -6.83 -17.71 -17.95
C ASN A 113 -6.69 -18.94 -18.85
N LYS A 114 -5.63 -18.99 -19.65
CA LYS A 114 -5.49 -20.09 -20.61
C LYS A 114 -5.43 -21.44 -19.92
N LEU A 115 -5.00 -21.48 -18.66
CA LEU A 115 -4.87 -22.73 -17.92
C LEU A 115 -6.08 -23.01 -17.04
N GLY A 116 -7.12 -22.19 -17.14
CA GLY A 116 -8.36 -22.41 -16.42
C GLY A 116 -8.20 -22.29 -14.92
N ILE A 117 -7.45 -21.26 -14.50
CA ILE A 117 -7.16 -21.01 -13.10
C ILE A 117 -7.78 -19.70 -12.64
N PRO A 118 -8.71 -19.72 -11.69
CA PRO A 118 -9.23 -18.47 -11.14
C PRO A 118 -8.26 -17.82 -10.15
N VAL A 119 -8.18 -16.50 -10.22
CA VAL A 119 -7.45 -15.69 -9.24
C VAL A 119 -8.48 -14.90 -8.46
N LEU A 120 -8.40 -14.97 -7.15
CA LEU A 120 -9.47 -14.50 -6.29
C LEU A 120 -8.85 -13.61 -5.22
N ARG A 121 -9.28 -12.38 -5.18
CA ARG A 121 -8.67 -11.39 -4.33
C ARG A 121 -9.64 -11.02 -3.22
N VAL A 122 -9.15 -10.16 -2.34
CA VAL A 122 -9.95 -9.52 -1.31
C VAL A 122 -10.10 -8.07 -1.75
N PRO A 123 -11.18 -7.71 -2.45
CA PRO A 123 -11.30 -6.33 -2.95
C PRO A 123 -11.56 -5.27 -1.88
N ALA A 124 -12.05 -5.64 -0.68
CA ALA A 124 -12.53 -4.61 0.27
C ALA A 124 -12.10 -4.90 1.72
N TYR A 125 -10.86 -4.52 2.04
CA TYR A 125 -10.48 -4.39 3.45
C TYR A 125 -10.63 -2.92 3.85
N SER A 126 -10.97 -2.71 5.12
CA SER A 126 -11.26 -1.40 5.70
C SER A 126 -10.36 -0.30 5.12
N PRO A 127 -10.89 0.58 4.26
CA PRO A 127 -10.06 1.67 3.74
C PRO A 127 -9.71 2.71 4.80
N ASN A 128 -10.56 2.88 5.82
CA ASN A 128 -10.21 3.71 6.97
C ASN A 128 -8.83 3.38 7.54
N ALA A 129 -8.38 2.12 7.40
CA ALA A 129 -7.06 1.78 7.91
C ALA A 129 -5.99 2.56 7.17
N VAL A 130 -6.09 2.60 5.84
CA VAL A 130 -5.07 3.30 5.06
C VAL A 130 -5.20 4.81 5.24
N SER A 131 -6.43 5.33 5.25
CA SER A 131 -6.60 6.77 5.41
C SER A 131 -6.08 7.22 6.77
N GLU A 132 -6.45 6.52 7.85
CA GLU A 132 -6.00 6.92 9.19
C GLU A 132 -4.49 6.72 9.36
N TYR A 133 -3.86 5.82 8.60
CA TYR A 133 -2.39 5.78 8.61
C TYR A 133 -1.81 6.98 7.90
N ALA A 134 -2.42 7.38 6.79
CA ALA A 134 -1.95 8.59 6.11
C ALA A 134 -2.01 9.78 7.06
N LEU A 135 -3.10 9.90 7.81
CA LEU A 135 -3.17 10.92 8.85
C LEU A 135 -2.00 10.76 9.83
N SER A 136 -1.75 9.53 10.30
CA SER A 136 -0.63 9.24 11.19
C SER A 136 0.67 9.85 10.71
N LEU A 137 0.98 9.65 9.42
CA LEU A 137 2.22 10.19 8.88
C LEU A 137 2.22 11.70 8.92
N ILE A 138 1.09 12.33 8.59
CA ILE A 138 0.97 13.79 8.69
C ILE A 138 1.29 14.23 10.11
N MET A 139 0.55 13.70 11.10
CA MET A 139 0.76 14.06 12.49
C MET A 139 2.20 13.90 12.89
N ALA A 140 2.85 12.83 12.41
CA ALA A 140 4.20 12.50 12.83
C ALA A 140 5.21 13.51 12.27
N LEU A 141 5.15 13.78 10.96
CA LEU A 141 6.03 14.79 10.40
C LEU A 141 5.71 16.18 10.94
N ASN A 142 4.49 16.37 11.42
CA ASN A 142 4.08 17.64 12.01
C ASN A 142 4.67 17.82 13.41
N ARG A 143 4.10 17.10 14.36
CA ARG A 143 4.49 17.20 15.75
C ARG A 143 5.75 16.40 16.08
N LYS A 144 6.27 15.58 15.16
CA LYS A 144 7.60 15.00 15.35
C LYS A 144 7.68 14.17 16.62
N THR A 145 6.61 13.42 16.92
CA THR A 145 6.60 12.65 18.15
C THR A 145 7.68 11.57 18.14
N HIS A 146 7.97 11.00 16.97
CA HIS A 146 9.07 10.05 16.88
C HIS A 146 10.39 10.71 17.29
N LYS A 147 10.71 11.87 16.70
CA LYS A 147 11.90 12.61 17.11
C LYS A 147 11.92 12.85 18.62
N ALA A 148 10.81 13.36 19.16
CA ALA A 148 10.70 13.52 20.59
C ALA A 148 11.03 12.20 21.28
N HIS A 149 10.40 11.12 20.82
CA HIS A 149 10.60 9.82 21.45
C HIS A 149 12.05 9.38 21.37
N ASP A 150 12.71 9.61 20.24
CA ASP A 150 14.11 9.17 20.12
C ASP A 150 15.00 9.99 21.04
N ARG A 151 14.76 11.31 21.15
CA ARG A 151 15.52 12.16 22.07
C ARG A 151 15.29 11.74 23.52
N VAL A 152 14.04 11.67 23.96
CA VAL A 152 13.80 11.45 25.39
C VAL A 152 14.48 10.16 25.83
N ARG A 153 14.44 9.12 24.97
CA ARG A 153 15.06 7.84 25.30
C ARG A 153 16.53 8.01 25.64
N ASP A 154 17.18 9.02 25.08
CA ASP A 154 18.59 9.32 25.37
C ASP A 154 18.74 10.36 26.47
N ALA A 155 17.67 10.62 27.23
CA ALA A 155 17.72 11.54 28.36
C ALA A 155 17.88 12.97 27.90
N ASN A 156 17.49 13.25 26.65
CA ASN A 156 17.52 14.59 26.12
C ASN A 156 16.11 15.13 26.00
N PHE A 157 15.78 16.08 26.86
CA PHE A 157 14.46 16.68 26.94
C PHE A 157 14.38 18.05 26.29
N GLU A 158 15.39 18.44 25.51
CA GLU A 158 15.32 19.69 24.75
C GLU A 158 14.35 19.54 23.58
N ILE A 159 13.41 20.48 23.48
CA ILE A 159 12.41 20.46 22.45
C ILE A 159 12.70 21.45 21.32
N ASN A 160 13.83 22.14 21.36
CA ASN A 160 14.25 22.94 20.20
C ASN A 160 14.25 22.07 18.94
N GLY A 161 13.51 22.50 17.93
CA GLY A 161 13.36 21.74 16.71
C GLY A 161 12.02 21.04 16.55
N MET A 162 11.17 21.00 17.56
CA MET A 162 9.92 20.27 17.45
C MET A 162 8.70 21.18 17.41
N GLU A 163 8.87 22.42 16.95
CA GLU A 163 7.74 23.29 16.65
C GLU A 163 6.89 22.66 15.55
N GLY A 164 5.59 22.57 15.79
CA GLY A 164 4.65 22.10 14.81
C GLY A 164 3.70 23.19 14.37
N PHE A 165 2.66 22.77 13.65
CA PHE A 165 1.64 23.68 13.19
C PHE A 165 0.26 23.18 13.60
N ASN A 166 -0.65 24.12 13.84
CA ASN A 166 -2.07 23.80 13.96
C ASN A 166 -2.57 23.28 12.63
N MET A 167 -3.44 22.26 12.69
CA MET A 167 -3.85 21.58 11.47
C MET A 167 -4.62 22.50 10.53
N VAL A 168 -5.46 23.38 11.09
CA VAL A 168 -6.27 24.30 10.28
C VAL A 168 -5.44 25.36 9.54
N SER A 169 -4.18 25.54 9.92
CA SER A 169 -3.35 26.57 9.30
C SER A 169 -2.74 26.17 7.96
N LYS A 170 -2.95 24.94 7.51
CA LYS A 170 -2.42 24.45 6.24
C LYS A 170 -3.58 24.06 5.33
N VAL A 171 -3.32 24.09 4.02
CA VAL A 171 -4.31 23.71 3.00
C VAL A 171 -3.92 22.34 2.45
N TYR A 172 -4.74 21.34 2.74
CA TYR A 172 -4.48 19.96 2.31
C TYR A 172 -5.11 19.70 0.95
N GLY A 173 -4.31 19.12 0.04
CA GLY A 173 -4.81 18.67 -1.24
C GLY A 173 -4.75 17.14 -1.34
N ILE A 174 -5.88 16.56 -1.75
CA ILE A 174 -6.01 15.12 -1.94
C ILE A 174 -6.08 14.85 -3.43
N VAL A 175 -5.17 14.04 -3.93
CA VAL A 175 -5.21 13.58 -5.32
C VAL A 175 -5.76 12.16 -5.32
N GLY A 176 -6.99 11.99 -5.81
CA GLY A 176 -7.61 10.69 -5.83
C GLY A 176 -8.69 10.56 -4.79
N THR A 177 -9.87 11.08 -5.10
CA THR A 177 -11.00 11.04 -4.17
C THR A 177 -11.75 9.71 -4.19
N GLY A 178 -11.03 8.60 -4.33
CA GLY A 178 -11.68 7.30 -4.32
C GLY A 178 -12.02 6.79 -2.93
N ASN A 179 -11.86 5.49 -2.71
CA ASN A 179 -12.33 4.87 -1.48
C ASN A 179 -11.49 5.27 -0.27
N ILE A 180 -10.17 5.26 -0.42
CA ILE A 180 -9.29 5.77 0.63
C ILE A 180 -9.30 7.30 0.64
N GLY A 181 -9.09 7.92 -0.52
CA GLY A 181 -9.13 9.37 -0.58
C GLY A 181 -10.35 9.95 0.13
N GLU A 182 -11.54 9.52 -0.26
CA GLU A 182 -12.75 10.06 0.34
C GLU A 182 -12.66 10.09 1.86
N GLN A 183 -12.11 9.03 2.47
CA GLN A 183 -12.08 8.97 3.93
C GLN A 183 -11.16 10.05 4.50
N LEU A 184 -9.94 10.14 3.96
CA LEU A 184 -9.04 11.21 4.37
C LEU A 184 -9.69 12.58 4.21
N CYS A 185 -10.48 12.78 3.16
CA CYS A 185 -11.20 14.05 3.03
C CYS A 185 -12.14 14.27 4.19
N ARG A 186 -12.97 13.28 4.53
CA ARG A 186 -13.92 13.47 5.62
C ARG A 186 -13.18 13.85 6.89
N VAL A 187 -12.27 12.99 7.33
CA VAL A 187 -11.59 13.21 8.60
C VAL A 187 -10.97 14.61 8.65
N LEU A 188 -10.30 15.04 7.59
CA LEU A 188 -9.77 16.40 7.58
C LEU A 188 -10.92 17.41 7.60
N LYS A 189 -11.59 17.61 6.46
CA LYS A 189 -12.60 18.68 6.39
C LYS A 189 -13.56 18.62 7.57
N LEU A 190 -13.88 17.42 8.06
CA LEU A 190 -14.87 17.28 9.11
C LEU A 190 -14.26 17.32 10.51
N GLY A 191 -13.09 16.70 10.69
CA GLY A 191 -12.51 16.59 12.02
C GLY A 191 -11.74 17.82 12.46
N PHE A 192 -11.13 18.54 11.51
CA PHE A 192 -10.37 19.74 11.80
C PHE A 192 -10.95 21.01 11.21
N GLY A 193 -11.96 20.91 10.34
CA GLY A 193 -12.45 22.08 9.63
C GLY A 193 -11.41 22.72 8.73
N ALA A 194 -10.57 21.91 8.08
CA ALA A 194 -9.49 22.43 7.26
C ALA A 194 -9.98 22.69 5.83
N LYS A 195 -9.24 23.54 5.13
CA LYS A 195 -9.50 23.76 3.71
C LYS A 195 -8.89 22.61 2.92
N VAL A 196 -9.73 21.87 2.20
CA VAL A 196 -9.32 20.66 1.48
C VAL A 196 -9.70 20.81 0.02
N ILE A 197 -8.74 20.56 -0.86
CA ILE A 197 -8.97 20.53 -2.30
C ILE A 197 -8.74 19.11 -2.78
N ALA A 198 -9.50 18.73 -3.81
CA ALA A 198 -9.38 17.42 -4.41
C ALA A 198 -9.08 17.57 -5.89
N TYR A 199 -8.26 16.66 -6.41
CA TYR A 199 -8.12 16.47 -7.85
C TYR A 199 -8.40 15.00 -8.19
N ASP A 200 -9.30 14.77 -9.13
CA ASP A 200 -9.70 13.44 -9.56
C ASP A 200 -10.17 13.54 -11.01
N ILE A 201 -10.07 12.44 -11.75
CA ILE A 201 -10.60 12.41 -13.11
C ILE A 201 -12.12 12.27 -13.07
N ILE A 202 -12.64 11.52 -12.09
CA ILE A 202 -14.05 11.50 -11.79
C ILE A 202 -14.31 12.57 -10.73
N GLU A 203 -15.45 12.47 -10.05
CA GLU A 203 -15.78 13.43 -9.00
C GLU A 203 -16.68 12.78 -7.97
N ASN A 204 -16.08 12.04 -7.04
CA ASN A 204 -16.81 11.48 -5.91
C ASN A 204 -17.77 12.49 -5.30
N LYS A 205 -19.06 12.15 -5.29
CA LYS A 205 -20.05 13.08 -4.78
C LYS A 205 -19.85 13.33 -3.29
N ALA A 206 -19.63 12.27 -2.52
CA ALA A 206 -19.41 12.44 -1.09
C ALA A 206 -18.39 13.53 -0.79
N VAL A 207 -17.48 13.79 -1.74
CA VAL A 207 -16.48 14.83 -1.53
C VAL A 207 -17.06 16.22 -1.78
N THR A 208 -17.87 16.37 -2.83
CA THR A 208 -18.46 17.67 -3.10
C THR A 208 -19.57 18.00 -2.11
N ASP A 209 -20.17 16.97 -1.51
CA ASP A 209 -21.29 17.17 -0.60
C ASP A 209 -20.88 17.70 0.76
N ILE A 210 -19.60 17.67 1.12
CA ILE A 210 -19.15 18.31 2.35
C ILE A 210 -18.32 19.53 1.98
N GLY A 211 -18.73 20.26 0.94
CA GLY A 211 -18.12 21.52 0.56
C GLY A 211 -16.64 21.47 0.21
N ILE A 212 -16.14 20.34 -0.28
CA ILE A 212 -14.76 20.28 -0.77
C ILE A 212 -14.79 20.58 -2.27
N GLU A 213 -13.81 21.36 -2.74
CA GLU A 213 -13.80 21.81 -4.12
C GLU A 213 -12.80 21.00 -4.92
N TYR A 214 -13.18 20.73 -6.18
CA TYR A 214 -12.30 20.07 -7.13
C TYR A 214 -11.67 21.11 -8.04
N VAL A 215 -10.39 20.87 -8.38
CA VAL A 215 -9.66 21.68 -9.34
C VAL A 215 -9.49 20.87 -10.63
N LYS A 216 -9.54 21.58 -11.77
CA LYS A 216 -9.57 20.87 -13.05
C LYS A 216 -8.20 20.31 -13.43
N THR A 217 -7.11 20.93 -12.99
CA THR A 217 -5.77 20.52 -13.38
C THR A 217 -4.90 20.38 -12.15
N LEU A 218 -4.08 19.32 -12.12
CA LEU A 218 -3.13 19.14 -11.01
C LEU A 218 -2.29 20.38 -10.77
N ASP A 219 -1.96 21.11 -11.84
CA ASP A 219 -1.17 22.32 -11.68
C ASP A 219 -1.77 23.24 -10.62
N GLU A 220 -3.08 23.15 -10.41
CA GLU A 220 -3.71 23.91 -9.34
C GLU A 220 -3.37 23.32 -7.98
N ILE A 221 -3.35 21.99 -7.85
CA ILE A 221 -3.04 21.38 -6.57
C ILE A 221 -1.70 21.89 -6.05
N TRP A 222 -0.67 21.89 -6.91
CA TRP A 222 0.65 22.37 -6.49
C TRP A 222 0.56 23.81 -6.03
N LYS A 223 -0.04 24.67 -6.85
CA LYS A 223 -0.05 26.09 -6.55
C LYS A 223 -0.67 26.38 -5.19
N GLN A 224 -1.62 25.55 -4.75
CA GLN A 224 -2.47 25.93 -3.63
C GLN A 224 -2.28 25.11 -2.35
N CYS A 225 -1.63 23.96 -2.40
CA CYS A 225 -1.67 23.04 -1.27
C CYS A 225 -0.33 22.97 -0.55
N ASP A 226 -0.41 22.87 0.78
CA ASP A 226 0.71 22.84 1.72
C ASP A 226 1.13 21.44 2.10
N VAL A 227 0.17 20.52 2.23
CA VAL A 227 0.47 19.11 2.36
C VAL A 227 -0.41 18.35 1.38
N ILE A 228 0.20 17.45 0.62
CA ILE A 228 -0.44 16.74 -0.46
C ILE A 228 -0.38 15.25 -0.14
N SER A 229 -1.51 14.58 -0.25
CA SER A 229 -1.54 13.13 -0.11
C SER A 229 -2.09 12.53 -1.40
N LEU A 230 -1.43 11.46 -1.86
CA LEU A 230 -1.73 10.82 -3.14
C LEU A 230 -2.52 9.55 -2.91
N HIS A 231 -3.67 9.43 -3.56
CA HIS A 231 -4.54 8.26 -3.41
C HIS A 231 -5.11 7.83 -4.75
N THR A 232 -4.25 7.77 -5.77
CA THR A 232 -4.58 7.18 -7.05
C THR A 232 -3.84 5.87 -7.22
N PRO A 233 -4.27 5.03 -8.14
CA PRO A 233 -3.46 3.86 -8.49
C PRO A 233 -2.24 4.25 -9.33
N LEU A 234 -1.42 3.26 -9.64
CA LEU A 234 -0.23 3.47 -10.46
C LEU A 234 -0.52 3.03 -11.90
N ASN A 235 -0.45 3.96 -12.83
CA ASN A 235 -0.69 3.64 -14.22
C ASN A 235 0.09 4.62 -15.11
N SER A 236 0.03 4.39 -16.41
CA SER A 236 0.88 5.13 -17.32
C SER A 236 0.69 6.63 -17.21
N GLN A 237 -0.44 7.08 -16.63
CA GLN A 237 -0.68 8.51 -16.42
C GLN A 237 -0.12 8.98 -15.08
N THR A 238 -0.47 8.28 -13.99
CA THR A 238 -0.08 8.70 -12.66
C THR A 238 1.40 8.48 -12.34
N LYS A 239 2.09 7.63 -13.10
CA LYS A 239 3.48 7.31 -12.76
C LYS A 239 4.30 8.59 -12.72
N TYR A 240 5.20 8.67 -11.74
CA TYR A 240 6.09 9.82 -11.58
C TYR A 240 5.29 11.12 -11.54
N MET A 241 4.12 11.06 -10.92
CA MET A 241 3.31 12.26 -10.74
C MET A 241 4.12 13.36 -10.08
N VAL A 242 4.74 13.03 -8.96
CA VAL A 242 5.67 13.92 -8.29
C VAL A 242 7.02 13.79 -8.98
N ASN A 243 7.45 14.83 -9.68
CA ASN A 243 8.80 14.84 -10.29
C ASN A 243 9.35 16.27 -10.25
N SER A 244 10.49 16.48 -10.91
CA SER A 244 11.13 17.78 -10.92
C SER A 244 10.18 18.85 -11.44
N GLU A 245 9.53 18.58 -12.57
CA GLU A 245 8.57 19.53 -13.14
C GLU A 245 7.53 19.96 -12.10
N SER A 246 6.91 18.99 -11.43
CA SER A 246 5.85 19.34 -10.49
C SER A 246 6.41 19.82 -9.16
N ILE A 247 7.52 19.24 -8.70
CA ILE A 247 8.12 19.69 -7.45
C ILE A 247 8.44 21.18 -7.51
N GLU A 248 9.07 21.61 -8.62
CA GLU A 248 9.33 23.04 -8.80
C GLU A 248 8.04 23.86 -8.72
N LYS A 249 6.98 23.39 -9.36
CA LYS A 249 5.73 24.16 -9.34
C LYS A 249 5.08 24.18 -7.96
N MET A 250 5.62 23.48 -6.97
CA MET A 250 4.97 23.37 -5.66
C MET A 250 5.34 24.54 -4.73
N ARG A 251 4.57 24.66 -3.66
CA ARG A 251 4.84 25.64 -2.63
C ARG A 251 6.11 25.28 -1.87
N ASP A 252 6.70 26.29 -1.22
CA ASP A 252 7.82 26.05 -0.34
C ASP A 252 7.34 25.49 0.99
N GLY A 253 8.06 24.49 1.50
CA GLY A 253 7.64 23.83 2.71
C GLY A 253 6.57 22.79 2.52
N VAL A 254 6.31 22.37 1.28
CA VAL A 254 5.29 21.37 1.04
C VAL A 254 5.61 20.08 1.76
N MET A 255 4.59 19.46 2.34
CA MET A 255 4.64 18.11 2.85
C MET A 255 3.97 17.20 1.84
N ILE A 256 4.57 16.03 1.61
CA ILE A 256 4.04 15.06 0.65
C ILE A 256 3.84 13.73 1.36
N ILE A 257 2.62 13.23 1.34
CA ILE A 257 2.32 11.89 1.83
C ILE A 257 2.02 11.01 0.63
N ASN A 258 2.51 9.77 0.68
CA ASN A 258 2.22 8.82 -0.39
C ASN A 258 2.20 7.43 0.23
N VAL A 259 0.98 6.92 0.46
CA VAL A 259 0.80 5.55 0.93
C VAL A 259 0.10 4.69 -0.12
N SER A 260 0.26 5.04 -1.41
CA SER A 260 -0.44 4.38 -2.51
C SER A 260 0.48 3.39 -3.23
N ARG A 261 1.18 3.86 -4.26
N ARG A 261 1.22 3.87 -4.22
CA ARG A 261 2.16 3.06 -4.97
CA ARG A 261 2.16 3.06 -4.97
C ARG A 261 3.48 3.84 -4.98
C ARG A 261 3.49 3.82 -5.03
N GLY A 262 4.56 3.16 -4.63
CA GLY A 262 5.86 3.82 -4.56
C GLY A 262 6.26 4.64 -5.79
N ALA A 263 5.83 4.23 -7.00
CA ALA A 263 6.33 4.89 -8.21
C ALA A 263 5.58 6.16 -8.60
N LEU A 264 4.57 6.56 -7.82
CA LEU A 264 4.00 7.89 -8.04
C LEU A 264 5.05 8.98 -7.78
N VAL A 265 6.11 8.66 -7.03
CA VAL A 265 7.17 9.61 -6.69
C VAL A 265 8.47 9.13 -7.33
N ASN A 266 9.09 10.00 -8.12
CA ASN A 266 10.45 9.76 -8.59
C ASN A 266 11.39 10.11 -7.44
N ALA A 267 11.87 9.08 -6.73
CA ALA A 267 12.60 9.32 -5.49
C ALA A 267 13.78 10.28 -5.67
N SER A 268 14.57 10.13 -6.74
CA SER A 268 15.76 10.95 -6.86
C SER A 268 15.39 12.41 -7.06
N ASP A 269 14.32 12.68 -7.81
CA ASP A 269 13.74 14.01 -7.82
C ASP A 269 13.32 14.45 -6.41
N ALA A 270 12.63 13.57 -5.70
CA ALA A 270 12.17 13.90 -4.36
C ALA A 270 13.35 14.26 -3.45
N ILE A 271 14.50 13.61 -3.65
CA ILE A 271 15.66 13.93 -2.83
C ILE A 271 16.12 15.36 -3.12
N VAL A 272 16.27 15.66 -4.41
CA VAL A 272 16.60 17.02 -4.84
C VAL A 272 15.65 18.02 -4.19
N GLY A 273 14.35 17.70 -4.19
CA GLY A 273 13.41 18.57 -3.53
C GLY A 273 13.73 18.75 -2.07
N LEU A 274 14.02 17.65 -1.39
CA LEU A 274 14.29 17.70 0.05
C LEU A 274 15.59 18.44 0.34
N LYS A 275 16.64 18.11 -0.41
CA LYS A 275 17.93 18.77 -0.21
C LYS A 275 17.79 20.28 -0.35
N SER A 276 17.20 20.74 -1.45
CA SER A 276 17.10 22.17 -1.74
C SER A 276 16.12 22.89 -0.83
N GLY A 277 15.37 22.16 -0.01
CA GLY A 277 14.44 22.75 0.94
C GLY A 277 13.04 22.96 0.43
N LYS A 278 12.81 22.83 -0.89
CA LYS A 278 11.47 23.03 -1.45
C LYS A 278 10.45 22.13 -0.78
N ILE A 279 10.81 20.88 -0.54
CA ILE A 279 9.94 19.93 0.16
C ILE A 279 10.29 19.97 1.63
N SER A 280 9.28 20.21 2.46
CA SER A 280 9.54 20.26 3.90
C SER A 280 9.67 18.85 4.47
N SER A 281 8.75 17.95 4.11
CA SER A 281 8.77 16.59 4.63
C SER A 281 8.17 15.63 3.62
N LEU A 282 8.48 14.36 3.83
CA LEU A 282 8.08 13.29 2.93
C LEU A 282 7.68 12.07 3.75
N GLY A 283 6.44 11.61 3.57
CA GLY A 283 6.00 10.38 4.21
C GLY A 283 5.54 9.34 3.21
N MET A 284 6.16 8.16 3.21
CA MET A 284 5.85 7.13 2.23
C MET A 284 5.82 5.75 2.88
N ASP A 285 4.67 5.07 2.76
CA ASP A 285 4.51 3.69 3.19
C ASP A 285 4.78 2.70 2.05
N VAL A 286 5.35 3.18 0.94
CA VAL A 286 5.54 2.41 -0.29
C VAL A 286 6.73 3.00 -1.04
N TYR A 287 7.31 2.24 -1.95
CA TYR A 287 8.54 2.67 -2.59
C TYR A 287 8.76 1.88 -3.88
N GLU A 288 9.24 2.57 -4.92
CA GLU A 288 9.37 1.95 -6.25
C GLU A 288 10.07 0.59 -6.19
N ASN A 289 11.25 0.53 -5.58
CA ASN A 289 11.99 -0.73 -5.45
C ASN A 289 11.75 -1.42 -4.11
N GLU A 290 10.55 -1.33 -3.58
CA GLU A 290 10.26 -1.96 -2.30
C GLU A 290 10.30 -3.48 -2.33
N THR A 291 10.11 -4.14 -3.49
CA THR A 291 9.94 -5.61 -3.50
C THR A 291 11.15 -6.34 -2.91
N ASP A 292 12.33 -5.76 -2.96
CA ASP A 292 13.52 -6.47 -2.54
C ASP A 292 13.89 -6.20 -1.10
N TYR A 293 12.96 -5.66 -0.30
CA TYR A 293 13.28 -5.13 1.02
C TYR A 293 12.11 -5.31 2.00
N PHE A 294 10.93 -4.81 1.66
CA PHE A 294 9.87 -4.73 2.67
C PHE A 294 9.51 -6.08 3.26
N TYR A 295 9.02 -6.04 4.50
CA TYR A 295 8.47 -7.19 5.21
C TYR A 295 9.57 -8.08 5.75
N GLN A 296 10.78 -7.91 5.24
CA GLN A 296 11.93 -8.70 5.65
C GLN A 296 12.90 -7.87 6.49
N ASP A 297 13.52 -8.53 7.47
CA ASP A 297 14.53 -7.93 8.34
C ASP A 297 15.89 -8.10 7.66
N HIS A 298 16.48 -6.97 7.22
CA HIS A 298 17.77 -6.97 6.54
C HIS A 298 18.83 -6.20 7.33
N ASN A 299 18.66 -6.09 8.64
CA ASN A 299 19.70 -5.45 9.44
C ASN A 299 21.02 -6.20 9.24
N GLY A 300 22.12 -5.47 9.37
CA GLY A 300 23.42 -6.09 9.14
C GLY A 300 23.81 -6.25 7.68
N SER A 301 22.92 -5.91 6.76
CA SER A 301 23.25 -5.92 5.34
C SER A 301 23.06 -4.53 4.76
N ILE A 302 23.99 -4.12 3.89
CA ILE A 302 23.91 -2.84 3.21
C ILE A 302 22.70 -2.84 2.26
N ILE A 303 21.80 -1.87 2.47
CA ILE A 303 20.87 -1.53 1.39
C ILE A 303 21.66 -0.98 0.22
N LYS A 304 21.63 -1.66 -0.93
CA LYS A 304 22.38 -1.18 -2.09
C LYS A 304 21.64 -0.11 -2.90
N ASP A 305 20.31 -0.02 -2.76
CA ASP A 305 19.51 1.04 -3.36
C ASP A 305 19.83 2.41 -2.74
N ASP A 306 20.58 3.26 -3.46
CA ASP A 306 21.06 4.50 -2.85
C ASP A 306 19.93 5.47 -2.51
N ASN A 307 18.95 5.65 -3.42
CA ASN A 307 17.82 6.52 -3.07
C ASN A 307 17.15 6.05 -1.80
N LEU A 308 16.91 4.75 -1.67
CA LEU A 308 16.23 4.26 -0.48
C LEU A 308 17.11 4.43 0.75
N SER A 309 18.42 4.19 0.61
CA SER A 309 19.29 4.38 1.76
C SER A 309 19.25 5.82 2.23
N LEU A 310 19.33 6.77 1.27
CA LEU A 310 19.33 8.20 1.61
C LEU A 310 18.02 8.63 2.24
N LEU A 311 16.88 8.37 1.59
CA LEU A 311 15.59 8.71 2.17
C LEU A 311 15.47 8.24 3.62
N ILE A 312 15.91 7.01 3.89
CA ILE A 312 15.77 6.49 5.24
C ILE A 312 16.59 7.32 6.23
N SER A 313 17.74 7.83 5.80
CA SER A 313 18.63 8.52 6.71
C SER A 313 18.26 9.98 6.93
N TYR A 314 17.53 10.60 6.00
CA TYR A 314 17.10 11.99 6.14
C TYR A 314 16.14 12.15 7.32
N PRO A 315 16.26 13.22 8.09
CA PRO A 315 15.48 13.34 9.33
C PRO A 315 14.07 13.91 9.18
N ASN A 316 13.67 14.33 7.98
CA ASN A 316 12.30 14.75 7.69
C ASN A 316 11.63 13.80 6.71
N VAL A 317 11.96 12.51 6.80
CA VAL A 317 11.40 11.50 5.90
C VAL A 317 10.92 10.32 6.73
N MET A 318 9.65 9.99 6.59
CA MET A 318 9.07 8.79 7.15
C MET A 318 8.98 7.76 6.02
N ILE A 319 9.70 6.64 6.16
CA ILE A 319 9.54 5.50 5.26
C ILE A 319 9.15 4.30 6.09
N THR A 320 8.03 3.67 5.74
CA THR A 320 7.57 2.48 6.44
C THR A 320 7.24 1.40 5.42
N SER A 321 7.24 0.15 5.87
CA SER A 321 7.25 -1.02 4.99
C SER A 321 5.82 -1.46 4.63
N HIS A 322 5.15 -0.62 3.84
CA HIS A 322 3.86 -0.96 3.26
C HIS A 322 2.93 -1.60 4.30
N GLN A 323 2.68 -0.86 5.39
CA GLN A 323 1.87 -1.38 6.49
C GLN A 323 0.61 -0.57 6.76
N ALA A 324 0.26 0.40 5.89
CA ALA A 324 -0.96 1.20 6.09
C ALA A 324 -2.19 0.34 6.35
N TRP A 325 -2.26 -0.84 5.72
CA TRP A 325 -3.42 -1.73 5.78
C TRP A 325 -3.50 -2.53 7.06
N TYR A 326 -2.41 -2.62 7.83
CA TYR A 326 -2.29 -3.58 8.92
C TYR A 326 -3.01 -3.08 10.18
N THR A 327 -4.33 -3.25 10.19
CA THR A 327 -5.11 -3.16 11.41
C THR A 327 -5.83 -4.49 11.65
N LYS A 328 -6.32 -4.66 12.89
CA LYS A 328 -7.02 -5.90 13.25
C LYS A 328 -8.19 -6.18 12.31
N GLU A 329 -8.99 -5.15 11.98
CA GLU A 329 -10.13 -5.35 11.10
C GLU A 329 -9.67 -5.70 9.69
N ALA A 330 -8.66 -5.00 9.18
CA ALA A 330 -8.26 -5.26 7.81
C ALA A 330 -7.66 -6.65 7.66
N ILE A 331 -6.85 -7.12 8.63
CA ILE A 331 -6.21 -8.41 8.40
C ILE A 331 -7.20 -9.54 8.66
N SER A 332 -8.05 -9.37 9.67
CA SER A 332 -9.16 -10.30 9.86
C SER A 332 -9.97 -10.46 8.57
N CYS A 333 -10.42 -9.34 7.97
CA CYS A 333 -11.17 -9.45 6.71
C CYS A 333 -10.34 -10.12 5.62
N ILE A 334 -9.05 -9.76 5.51
CA ILE A 334 -8.23 -10.29 4.43
C ILE A 334 -8.15 -11.81 4.53
N CYS A 335 -7.74 -12.31 5.69
CA CYS A 335 -7.58 -13.74 5.86
C CYS A 335 -8.92 -14.45 5.72
N GLY A 336 -9.91 -14.03 6.51
CA GLY A 336 -11.22 -14.66 6.42
C GLY A 336 -11.75 -14.73 5.00
N THR A 337 -11.43 -13.72 4.18
CA THR A 337 -12.00 -13.66 2.84
C THR A 337 -11.29 -14.63 1.90
N SER A 338 -9.97 -14.73 2.02
CA SER A 338 -9.22 -15.68 1.22
C SER A 338 -9.67 -17.11 1.50
N LEU A 339 -9.81 -17.46 2.79
CA LEU A 339 -10.33 -18.78 3.15
C LEU A 339 -11.70 -18.98 2.53
N GLN A 340 -12.58 -18.00 2.70
CA GLN A 340 -13.89 -18.07 2.10
C GLN A 340 -13.78 -18.25 0.58
N ASN A 341 -12.87 -17.52 -0.07
CA ASN A 341 -12.65 -17.71 -1.49
C ASN A 341 -12.38 -19.18 -1.81
N PHE A 342 -11.61 -19.86 -0.96
CA PHE A 342 -11.33 -21.27 -1.22
C PHE A 342 -12.60 -22.10 -1.15
N VAL A 343 -13.45 -21.87 -0.16
CA VAL A 343 -14.65 -22.69 -0.08
C VAL A 343 -15.59 -22.38 -1.24
N ASP A 344 -15.65 -21.11 -1.65
CA ASP A 344 -16.46 -20.76 -2.83
C ASP A 344 -15.94 -21.49 -4.06
N PHE A 345 -14.63 -21.48 -4.26
CA PHE A 345 -14.05 -22.20 -5.39
C PHE A 345 -14.54 -23.64 -5.42
N ARG A 346 -14.58 -24.29 -4.24
CA ARG A 346 -14.83 -25.72 -4.18
C ARG A 346 -16.31 -26.07 -4.23
N SER A 347 -17.19 -25.19 -3.79
CA SER A 347 -18.61 -25.38 -4.02
C SER A 347 -19.04 -24.82 -5.38
N ASN A 348 -18.08 -24.44 -6.23
CA ASN A 348 -18.34 -23.84 -7.54
C ASN A 348 -19.29 -22.65 -7.44
N GLN A 349 -18.96 -21.76 -6.51
CA GLN A 349 -19.81 -20.64 -6.13
C GLN A 349 -18.98 -19.35 -6.00
N ILE A 350 -17.96 -19.21 -6.86
CA ILE A 350 -17.09 -18.03 -6.82
C ILE A 350 -17.90 -16.75 -6.92
N LYS A 351 -17.57 -15.77 -6.06
CA LYS A 351 -18.22 -14.46 -6.07
C LYS A 351 -17.63 -13.61 -7.19
N LYS A 352 -18.51 -13.07 -8.05
CA LYS A 352 -18.05 -12.28 -9.18
C LYS A 352 -17.09 -11.19 -8.76
N SER A 353 -17.35 -10.55 -7.61
CA SER A 353 -16.56 -9.41 -7.16
C SER A 353 -15.13 -9.78 -6.81
N ASN A 354 -14.84 -11.06 -6.57
CA ASN A 354 -13.51 -11.45 -6.15
C ASN A 354 -12.70 -12.12 -7.25
N LEU A 355 -13.31 -12.37 -8.40
CA LEU A 355 -12.63 -13.01 -9.52
C LEU A 355 -12.02 -11.94 -10.42
N VAL A 356 -10.70 -11.87 -10.44
CA VAL A 356 -10.00 -10.86 -11.21
C VAL A 356 -9.95 -11.23 -12.69
N ASN A 357 -9.35 -12.37 -13.00
CA ASN A 357 -9.12 -12.79 -14.38
C ASN A 357 -10.40 -13.36 -14.98
N ASN A 358 -10.24 -14.14 -16.05
CA ASN A 358 -11.35 -14.90 -16.63
C ASN A 358 -10.80 -16.21 -17.19
N PRO A 359 -10.74 -17.26 -16.39
CA PRO A 359 -10.27 -18.55 -16.88
C PRO A 359 -11.37 -19.25 -17.65
N ILE A 360 -10.94 -20.26 -18.43
CA ILE A 360 -11.82 -21.04 -19.28
C ILE A 360 -12.70 -21.99 -18.45
C ACT B . -2.32 1.47 -17.36
O ACT B . -2.97 2.07 -18.28
OXT ACT B . -2.72 0.76 -16.39
CH3 ACT B . -0.83 1.60 -17.42
H1 ACT B . -0.59 2.28 -18.07
H2 ACT B . -0.43 0.76 -17.67
H3 ACT B . -0.49 1.88 -16.55
C ACT C . -9.22 -0.75 0.03
O ACT C . -8.90 -0.87 1.23
OXT ACT C . -10.23 -0.18 -0.48
CH3 ACT C . -8.24 -1.39 -0.95
H1 ACT C . -7.58 -0.74 -1.22
H2 ACT C . -8.72 -1.70 -1.73
H3 ACT C . -7.80 -2.14 -0.51
PA NAD D . -9.98 3.72 -5.72
O1A NAD D . -10.33 2.99 -7.01
O2A NAD D . -11.11 3.68 -4.75
O5B NAD D . -9.58 5.29 -6.12
C5B NAD D . -8.62 5.48 -7.18
C4B NAD D . -8.91 6.94 -7.70
O4B NAD D . -7.96 7.53 -8.38
C3B NAD D . -10.06 6.95 -8.72
O3B NAD D . -11.16 7.48 -8.08
C2B NAD D . -9.61 7.85 -9.91
O2B NAD D . -10.85 8.43 -10.48
C1B NAD D . -8.76 8.61 -9.29
N9A NAD D . -7.89 9.32 -10.22
C8A NAD D . -7.81 10.68 -10.29
N7A NAD D . -6.92 10.99 -11.26
C5A NAD D . -6.46 9.85 -11.74
C6A NAD D . -5.44 9.55 -12.81
N6A NAD D . -4.80 10.67 -13.51
N1A NAD D . -5.14 8.19 -13.12
C2A NAD D . -5.78 7.10 -12.43
N3A NAD D . -6.76 7.37 -11.39
C4A NAD D . -7.06 8.79 -11.09
O3 NAD D . -8.61 3.06 -5.09
PN NAD D . -8.24 3.03 -3.44
O1N NAD D . -8.86 4.24 -2.80
O2N NAD D . -8.79 1.77 -2.77
O5D NAD D . -6.62 3.08 -3.26
C5D NAD D . -5.84 3.80 -4.18
C4D NAD D . -4.49 3.41 -4.07
O4D NAD D . -4.09 3.11 -2.60
C3D NAD D . -4.34 2.08 -4.81
O3D NAD D . -3.51 2.22 -6.04
C2D NAD D . -3.72 1.24 -3.98
O2D NAD D . -2.52 0.70 -4.62
C1D NAD D . -3.29 2.08 -2.67
N1N NAD D . -3.43 1.24 -1.49
C2N NAD D . -2.29 1.10 -0.56
C3N NAD D . -2.43 0.22 0.66
C7N NAD D . -1.28 0.11 1.65
O7N NAD D . -0.40 0.86 1.63
N7N NAD D . -1.37 -0.87 2.69
C4N NAD D . -3.70 -0.46 0.96
C5N NAD D . -4.86 -0.32 0.04
C6N NAD D . -4.71 0.55 -1.21
H51A NAD D . -7.71 5.41 -6.84
H52A NAD D . -8.74 4.83 -7.89
H4B NAD D . -9.07 7.46 -6.90
H3B NAD D . -10.22 6.07 -9.08
HO3A NAD D . -11.08 7.33 -7.25
H2B NAD D . -9.13 7.46 -10.67
HO2A NAD D . -11.44 8.48 -9.87
H1B NAD D . -9.20 9.28 -8.73
H8A NAD D . -8.31 11.28 -9.79
H61A NAD D . -4.07 10.55 -13.94
H62A NAD D . -5.15 11.46 -13.48
H2A NAD D . -5.57 6.22 -12.65
H51N NAD D . -6.16 3.62 -5.08
H52N NAD D . -5.91 4.75 -4.00
H4D NAD D . -3.91 4.11 -4.42
H3D NAD D . -5.22 1.76 -5.03
HO3N NAD D . -4.02 2.26 -6.73
H2D NAD D . -4.36 0.55 -3.73
HO2N NAD D . -1.98 1.33 -4.78
H1D NAD D . -2.37 2.39 -2.77
H2N NAD D . -1.49 1.54 -0.72
H71N NAD D . -0.76 -0.91 3.30
H72N NAD D . -2.03 -1.41 2.72
H4N NAD D . -3.79 -0.97 1.73
H5N NAD D . -5.67 -0.76 0.21
H6N NAD D . -5.42 0.65 -1.80
#